data_4C62
#
_entry.id   4C62
#
_cell.length_a   44.507
_cell.length_b   126.889
_cell.length_c   135.875
_cell.angle_alpha   90.00
_cell.angle_beta   97.53
_cell.angle_gamma   90.00
#
_symmetry.space_group_name_H-M   'C 1 2 1'
#
loop_
_entity.id
_entity.type
_entity.pdbx_description
1 polymer 'TYROSINE-PROTEIN KINASE JAK2'
2 non-polymer N2-[(1S)-1-(5-fluoropyrimidin-2-yl)ethyl]-n4-(1-methylimidazol-4-yl)-6-morpholino-1,3,5-triazine-2,4-diamine
3 non-polymer 'ACETATE ION'
4 water water
#
_entity_poly.entity_id   1
_entity_poly.type   'polypeptide(L)'
_entity_poly.pdbx_seq_one_letter_code
;AFEDRDPTQFEERHLKFLQQLGKGNFGSVEMCRYDPLQDNTGEVVAVKKLQHSTEEHLRDFEREIEILKSLQHDNIVKYK
GVCYSAGRRNLKLIMEYLPYGSLRDYLQAHAERIDHIKLLQYTSQICKGMEYLGTKRYIHRDLATRNILVENENRVKIGD
FGLTKVLPQDKE(PTR)(PTR)KVKEPGESPIFWYAPESLTESKFSVASDVWSFGVVLYELFTYIEKSKSPPAEFMRMIG
NDKQGQMIVFHLIELLKNNGRLPRPDGCPDEIYMIMTECWNNNVNQRPSFRDLALRVDQIRDQMAG
;
_entity_poly.pdbx_strand_id   A,B
#
loop_
_chem_comp.id
_chem_comp.type
_chem_comp.name
_chem_comp.formula
ACT non-polymer 'ACETATE ION' 'C2 H3 O2 -1'
XWW non-polymer N2-[(1S)-1-(5-fluoropyrimidin-2-yl)ethyl]-n4-(1-methylimidazol-4-yl)-6-morpholino-1,3,5-triazine-2,4-diamine 'C17 H21 F N10 O'
#
# COMPACT_ATOMS: atom_id res chain seq x y z
N PHE A 10 8.57 -14.64 7.93
CA PHE A 10 9.49 -14.95 6.80
C PHE A 10 10.61 -15.90 7.23
N GLU A 11 10.83 -16.96 6.44
CA GLU A 11 11.85 -17.99 6.71
C GLU A 11 12.96 -18.04 5.66
N GLU A 12 14.22 -17.96 6.11
CA GLU A 12 15.36 -17.74 5.22
C GLU A 12 15.68 -18.90 4.25
N ARG A 13 15.04 -20.05 4.45
CA ARG A 13 15.16 -21.20 3.52
C ARG A 13 14.27 -21.07 2.29
N HIS A 14 13.37 -20.08 2.33
CA HIS A 14 12.41 -19.84 1.24
C HIS A 14 12.73 -18.60 0.39
N LEU A 15 13.85 -17.95 0.67
CA LEU A 15 14.34 -16.86 -0.18
C LEU A 15 15.19 -17.42 -1.28
N LYS A 16 14.76 -17.22 -2.52
CA LYS A 16 15.52 -17.63 -3.69
C LYS A 16 16.24 -16.38 -4.27
N PHE A 17 17.56 -16.44 -4.31
CA PHE A 17 18.37 -15.35 -4.85
C PHE A 17 18.17 -15.15 -6.36
N LEU A 18 17.87 -13.92 -6.78
CA LEU A 18 17.70 -13.62 -8.21
C LEU A 18 18.80 -12.74 -8.78
N GLN A 19 19.06 -11.61 -8.14
CA GLN A 19 20.24 -10.82 -8.46
C GLN A 19 20.60 -9.82 -7.38
N GLN A 20 21.85 -9.38 -7.41
CA GLN A 20 22.29 -8.28 -6.59
C GLN A 20 21.69 -7.00 -7.15
N LEU A 21 21.32 -6.11 -6.24
CA LEU A 21 20.82 -4.79 -6.58
C LEU A 21 21.85 -3.70 -6.24
N GLY A 22 22.66 -3.94 -5.22
CA GLY A 22 23.76 -3.02 -4.86
C GLY A 22 24.16 -3.09 -3.39
N GLY A 27 26.65 -2.96 4.08
CA GLY A 27 25.33 -3.55 3.80
C GLY A 27 24.88 -3.60 2.33
N SER A 28 24.45 -4.78 1.87
CA SER A 28 24.02 -4.98 0.47
C SER A 28 22.51 -5.14 0.32
N VAL A 29 22.03 -5.06 -0.92
CA VAL A 29 20.62 -5.28 -1.24
C VAL A 29 20.50 -6.27 -2.39
N GLU A 30 19.67 -7.30 -2.24
CA GLU A 30 19.43 -8.26 -3.31
C GLU A 30 17.95 -8.39 -3.68
N MET A 31 17.72 -8.88 -4.88
CA MET A 31 16.40 -9.21 -5.36
C MET A 31 16.19 -10.70 -5.08
N CYS A 32 15.09 -11.02 -4.38
CA CYS A 32 14.78 -12.39 -4.05
C CYS A 32 13.33 -12.71 -4.34
N ARG A 33 13.06 -14.00 -4.43
CA ARG A 33 11.69 -14.48 -4.44
C ARG A 33 11.44 -15.13 -3.08
N TYR A 34 10.34 -14.75 -2.41
CA TYR A 34 9.87 -15.48 -1.23
C TYR A 34 8.79 -16.48 -1.64
N ASP A 35 9.18 -17.75 -1.71
CA ASP A 35 8.39 -18.80 -2.35
C ASP A 35 8.28 -20.05 -1.45
N PRO A 36 7.50 -19.98 -0.37
CA PRO A 36 7.45 -21.14 0.52
C PRO A 36 6.78 -22.36 -0.14
N LEU A 37 5.94 -22.15 -1.15
CA LEU A 37 5.27 -23.23 -1.86
C LEU A 37 6.17 -23.92 -2.91
N GLN A 38 7.49 -23.68 -2.86
CA GLN A 38 8.44 -24.31 -3.79
C GLN A 38 7.95 -24.35 -5.26
N ASP A 39 7.07 -23.43 -5.63
CA ASP A 39 6.32 -23.55 -6.88
C ASP A 39 6.42 -22.28 -7.75
N ASN A 40 7.32 -21.38 -7.39
CA ASN A 40 7.57 -20.12 -8.12
C ASN A 40 6.43 -19.08 -8.10
N THR A 41 5.39 -19.31 -7.31
CA THR A 41 4.26 -18.36 -7.22
C THR A 41 4.64 -17.12 -6.42
N GLY A 42 5.54 -17.31 -5.47
CA GLY A 42 5.88 -16.29 -4.51
C GLY A 42 6.19 -14.97 -5.17
N GLU A 43 6.09 -13.90 -4.38
CA GLU A 43 6.34 -12.59 -4.92
C GLU A 43 7.84 -12.27 -4.83
N VAL A 44 8.27 -11.32 -5.67
CA VAL A 44 9.63 -10.80 -5.67
C VAL A 44 9.72 -9.65 -4.65
N VAL A 45 10.79 -9.65 -3.86
CA VAL A 45 10.98 -8.75 -2.73
C VAL A 45 12.42 -8.31 -2.69
N ALA A 46 12.63 -7.14 -2.10
CA ALA A 46 13.98 -6.62 -1.92
C ALA A 46 14.41 -7.00 -0.53
N VAL A 47 15.67 -7.36 -0.40
CA VAL A 47 16.22 -7.89 0.85
C VAL A 47 17.49 -7.10 1.20
N LYS A 48 17.54 -6.51 2.40
CA LYS A 48 18.71 -5.76 2.84
C LYS A 48 19.36 -6.49 3.99
N LYS A 49 20.70 -6.51 3.99
CA LYS A 49 21.48 -7.17 5.05
C LYS A 49 22.77 -6.42 5.21
N LEU A 50 23.66 -6.92 6.07
CA LEU A 50 24.94 -6.23 6.34
C LEU A 50 26.15 -6.92 5.70
N GLN A 51 27.00 -6.15 5.02
CA GLN A 51 28.15 -6.70 4.28
C GLN A 51 29.15 -7.35 5.26
N HIS A 52 29.76 -6.54 6.13
CA HIS A 52 30.59 -7.05 7.24
C HIS A 52 30.14 -6.32 8.49
N SER A 53 29.44 -7.02 9.38
CA SER A 53 28.67 -6.38 10.44
C SER A 53 29.29 -6.41 11.83
N THR A 54 29.09 -5.34 12.59
CA THR A 54 29.55 -5.23 13.98
C THR A 54 28.34 -5.35 14.92
N GLU A 55 28.48 -4.86 16.15
CA GLU A 55 27.34 -4.73 17.09
C GLU A 55 26.72 -3.32 17.02
N GLU A 56 27.56 -2.29 16.90
CA GLU A 56 27.08 -0.91 16.67
C GLU A 56 26.44 -0.80 15.28
N HIS A 57 27.03 -1.48 14.27
CA HIS A 57 26.48 -1.49 12.90
C HIS A 57 25.19 -2.33 12.87
N LEU A 58 25.10 -3.31 13.76
CA LEU A 58 23.87 -4.09 13.95
C LEU A 58 22.81 -3.31 14.76
N ARG A 59 23.25 -2.58 15.78
CA ARG A 59 22.32 -1.81 16.62
C ARG A 59 21.55 -0.80 15.76
N ASP A 60 22.27 -0.05 14.92
CA ASP A 60 21.65 0.92 14.02
C ASP A 60 20.71 0.26 13.03
N PHE A 61 21.10 -0.90 12.52
CA PHE A 61 20.28 -1.60 11.55
C PHE A 61 18.93 -1.98 12.16
N GLU A 62 18.92 -2.32 13.45
CA GLU A 62 17.66 -2.72 14.11
C GLU A 62 16.69 -1.54 14.27
N ARG A 63 17.23 -0.33 14.38
CA ARG A 63 16.43 0.89 14.47
C ARG A 63 15.76 1.20 13.13
N GLU A 64 16.58 1.27 12.09
CA GLU A 64 16.13 1.45 10.71
C GLU A 64 14.89 0.59 10.43
N ILE A 65 14.97 -0.67 10.85
CA ILE A 65 13.90 -1.63 10.66
C ILE A 65 12.65 -1.22 11.42
N GLU A 66 12.81 -0.85 12.70
CA GLU A 66 11.70 -0.29 13.48
C GLU A 66 11.14 1.00 12.84
N ILE A 67 12.06 1.82 12.34
CA ILE A 67 11.69 3.07 11.67
C ILE A 67 10.82 2.84 10.44
N LEU A 68 11.25 1.91 9.59
CA LEU A 68 10.50 1.66 8.39
C LEU A 68 9.15 1.00 8.72
N LYS A 69 9.14 0.04 9.65
CA LYS A 69 7.87 -0.59 10.10
C LYS A 69 6.88 0.47 10.59
N SER A 70 7.39 1.51 11.24
CA SER A 70 6.55 2.59 11.75
C SER A 70 5.96 3.49 10.67
N LEU A 71 6.47 3.37 9.44
CA LEU A 71 6.08 4.25 8.35
C LEU A 71 5.09 3.56 7.40
N GLN A 72 4.00 4.25 7.09
CA GLN A 72 2.96 3.73 6.23
C GLN A 72 2.55 4.88 5.32
N HIS A 73 3.13 4.92 4.11
CA HIS A 73 2.87 6.02 3.18
C HIS A 73 3.17 5.65 1.72
N ASP A 74 2.48 6.33 0.80
CA ASP A 74 2.54 6.12 -0.65
C ASP A 74 3.88 6.29 -1.32
N ASN A 75 4.67 7.22 -0.78
CA ASN A 75 5.94 7.63 -1.36
C ASN A 75 7.07 7.20 -0.44
N ILE A 76 6.81 6.12 0.30
CA ILE A 76 7.78 5.46 1.16
C ILE A 76 7.69 3.96 0.95
N VAL A 77 8.80 3.33 0.57
CA VAL A 77 8.82 1.90 0.29
C VAL A 77 8.25 1.07 1.45
N LYS A 78 7.43 0.07 1.12
CA LYS A 78 6.65 -0.68 2.11
C LYS A 78 7.51 -1.75 2.80
N TYR A 79 7.58 -1.65 4.13
CA TYR A 79 8.10 -2.73 4.99
C TYR A 79 7.26 -3.98 4.85
N LYS A 80 7.90 -5.12 4.59
CA LYS A 80 7.19 -6.40 4.51
C LYS A 80 7.43 -7.25 5.75
N GLY A 81 8.68 -7.33 6.17
CA GLY A 81 9.05 -8.02 7.40
C GLY A 81 10.55 -8.12 7.62
N VAL A 82 10.95 -9.10 8.44
CA VAL A 82 12.34 -9.36 8.76
C VAL A 82 12.58 -10.86 8.64
N CYS A 83 13.82 -11.32 8.77
CA CYS A 83 14.08 -12.76 8.95
C CYS A 83 15.50 -13.05 9.47
N TYR A 84 15.58 -14.07 10.34
CA TYR A 84 16.81 -14.41 11.10
C TYR A 84 17.42 -15.70 10.52
N ARG A 89 19.93 -13.31 15.24
CA ARG A 89 20.68 -14.18 14.34
C ARG A 89 21.30 -13.38 13.16
N ASN A 90 21.06 -13.81 11.91
CA ASN A 90 21.56 -13.11 10.70
C ASN A 90 20.47 -12.19 10.09
N LEU A 91 20.37 -10.98 10.64
CA LEU A 91 19.19 -10.14 10.41
C LEU A 91 19.13 -9.72 8.94
N LYS A 92 17.94 -9.83 8.36
CA LYS A 92 17.65 -9.37 7.02
C LYS A 92 16.34 -8.56 7.01
N LEU A 93 16.35 -7.45 6.28
CA LEU A 93 15.17 -6.61 6.13
C LEU A 93 14.51 -6.89 4.77
N ILE A 94 13.20 -7.14 4.79
CA ILE A 94 12.48 -7.53 3.58
C ILE A 94 11.45 -6.47 3.26
N MET A 95 11.51 -5.95 2.04
CA MET A 95 10.62 -4.90 1.60
C MET A 95 10.05 -5.18 0.22
N GLU A 96 9.07 -4.39 -0.18
CA GLU A 96 8.49 -4.53 -1.50
C GLU A 96 9.57 -4.23 -2.52
N TYR A 97 9.48 -4.85 -3.70
CA TYR A 97 10.47 -4.70 -4.74
C TYR A 97 9.91 -3.70 -5.73
N LEU A 98 10.58 -2.56 -5.85
CA LEU A 98 10.16 -1.53 -6.81
C LEU A 98 10.96 -1.72 -8.10
N PRO A 99 10.28 -2.07 -9.18
CA PRO A 99 10.90 -2.63 -10.40
C PRO A 99 11.82 -1.75 -11.26
N TYR A 100 11.74 -0.42 -11.15
CA TYR A 100 12.53 0.46 -12.04
C TYR A 100 13.76 1.11 -11.38
N GLY A 101 14.01 0.81 -10.12
CA GLY A 101 15.29 1.13 -9.49
C GLY A 101 15.40 2.57 -9.01
N SER A 102 16.64 3.04 -8.84
CA SER A 102 16.83 4.39 -8.32
C SER A 102 16.41 5.43 -9.34
N LEU A 103 15.82 6.51 -8.86
CA LEU A 103 15.49 7.62 -9.70
C LEU A 103 16.73 8.18 -10.38
N ARG A 104 17.88 8.12 -9.70
CA ARG A 104 19.12 8.62 -10.26
C ARG A 104 19.42 7.94 -11.57
N ASP A 105 19.24 6.61 -11.60
CA ASP A 105 19.56 5.82 -12.80
C ASP A 105 18.46 5.82 -13.87
N TYR A 106 17.21 5.84 -13.43
CA TYR A 106 16.04 5.88 -14.31
C TYR A 106 16.04 7.17 -15.17
N LEU A 107 16.36 8.30 -14.55
CA LEU A 107 16.57 9.56 -15.28
C LEU A 107 17.69 9.48 -16.31
N GLN A 108 18.79 8.81 -15.99
CA GLN A 108 19.84 8.64 -16.98
C GLN A 108 19.37 7.76 -18.10
N ALA A 109 18.57 6.75 -17.77
CA ALA A 109 18.12 5.80 -18.77
C ALA A 109 17.09 6.44 -19.69
N HIS A 110 16.04 7.01 -19.10
CA HIS A 110 14.87 7.39 -19.85
C HIS A 110 14.62 8.89 -19.90
N ALA A 111 15.69 9.68 -19.97
CA ALA A 111 15.54 11.14 -20.02
C ALA A 111 14.57 11.59 -21.14
N GLU A 112 14.66 10.91 -22.28
CA GLU A 112 13.91 11.27 -23.47
C GLU A 112 12.40 11.29 -23.28
N ARG A 113 11.88 10.73 -22.17
CA ARG A 113 10.44 10.76 -21.91
C ARG A 113 10.06 11.51 -20.66
N ILE A 114 11.05 11.83 -19.85
CA ILE A 114 10.82 12.61 -18.66
C ILE A 114 10.95 14.08 -19.02
N ASP A 115 9.81 14.78 -18.96
CA ASP A 115 9.77 16.23 -19.15
C ASP A 115 9.69 16.95 -17.81
N HIS A 116 9.70 18.27 -17.84
CA HIS A 116 9.75 19.05 -16.63
C HIS A 116 8.54 18.83 -15.77
N ILE A 117 7.37 18.62 -16.38
CA ILE A 117 6.15 18.30 -15.61
C ILE A 117 6.36 17.03 -14.83
N LYS A 118 7.02 16.07 -15.47
CA LYS A 118 7.34 14.79 -14.86
C LYS A 118 8.32 14.96 -13.69
N LEU A 119 9.39 15.73 -13.91
CA LEU A 119 10.30 16.04 -12.80
C LEU A 119 9.55 16.65 -11.62
N LEU A 120 8.65 17.58 -11.90
CA LEU A 120 7.85 18.19 -10.83
C LEU A 120 6.88 17.20 -10.16
N GLN A 121 6.41 16.22 -10.93
CA GLN A 121 5.59 15.15 -10.39
C GLN A 121 6.35 14.39 -9.31
N TYR A 122 7.56 13.95 -9.64
CA TYR A 122 8.42 13.29 -8.67
C TYR A 122 8.70 14.21 -7.50
N THR A 123 9.12 15.45 -7.82
CA THR A 123 9.45 16.45 -6.81
C THR A 123 8.34 16.53 -5.78
N SER A 124 7.11 16.57 -6.26
CA SER A 124 5.99 16.74 -5.35
C SER A 124 5.80 15.52 -4.46
N GLN A 125 6.00 14.35 -5.04
CA GLN A 125 5.86 13.10 -4.31
C GLN A 125 6.93 12.95 -3.22
N ILE A 126 8.15 13.37 -3.53
CA ILE A 126 9.24 13.33 -2.55
C ILE A 126 8.89 14.25 -1.36
N CYS A 127 8.36 15.44 -1.65
CA CYS A 127 7.91 16.36 -0.62
C CYS A 127 6.92 15.71 0.32
N LYS A 128 5.88 15.14 -0.26
CA LYS A 128 4.80 14.52 0.51
C LYS A 128 5.38 13.44 1.45
N GLY A 129 6.26 12.61 0.91
CA GLY A 129 6.94 11.64 1.72
C GLY A 129 7.73 12.27 2.85
N MET A 130 8.45 13.35 2.56
CA MET A 130 9.21 14.04 3.60
C MET A 130 8.30 14.73 4.64
N GLU A 131 7.17 15.24 4.16
CA GLU A 131 6.20 15.84 5.06
C GLU A 131 5.76 14.82 6.11
N TYR A 132 5.43 13.63 5.65
CA TYR A 132 4.92 12.58 6.53
C TYR A 132 5.97 12.15 7.50
N LEU A 133 7.20 12.05 7.00
CA LEU A 133 8.35 11.72 7.83
C LEU A 133 8.49 12.69 8.99
N GLY A 134 8.28 13.97 8.67
CA GLY A 134 8.37 15.06 9.62
C GLY A 134 7.38 14.93 10.75
N THR A 135 6.19 14.41 10.44
CA THR A 135 5.14 14.25 11.46
C THR A 135 5.49 13.16 12.45
N LYS A 136 6.49 12.36 12.15
CA LYS A 136 6.94 11.35 13.08
C LYS A 136 8.22 11.81 13.75
N ARG A 137 8.61 13.05 13.49
CA ARG A 137 9.87 13.57 14.04
C ARG A 137 11.08 12.73 13.59
N TYR A 138 11.04 12.24 12.35
CA TYR A 138 12.18 11.54 11.80
C TYR A 138 12.96 12.48 10.90
N ILE A 139 14.29 12.38 10.96
CA ILE A 139 15.19 13.12 10.10
C ILE A 139 15.85 12.11 9.20
N HIS A 140 15.82 12.33 7.89
CA HIS A 140 16.32 11.33 6.95
C HIS A 140 17.85 11.28 6.83
N ARG A 141 18.45 12.46 6.62
CA ARG A 141 19.93 12.67 6.56
C ARG A 141 20.70 12.28 5.29
N ASP A 142 20.03 11.64 4.33
CA ASP A 142 20.68 11.13 3.13
C ASP A 142 19.73 11.27 1.95
N LEU A 143 19.05 12.40 1.88
CA LEU A 143 18.07 12.60 0.85
C LEU A 143 18.82 12.97 -0.42
N ALA A 144 18.80 12.07 -1.40
CA ALA A 144 19.45 12.25 -2.71
C ALA A 144 18.72 11.37 -3.74
N THR A 145 18.87 11.65 -5.02
CA THR A 145 18.09 10.88 -5.99
C THR A 145 18.43 9.41 -5.95
N ARG A 146 19.64 9.06 -5.51
CA ARG A 146 20.00 7.64 -5.49
C ARG A 146 19.28 6.87 -4.39
N ASN A 147 18.63 7.57 -3.48
CA ASN A 147 17.83 6.88 -2.47
C ASN A 147 16.34 7.02 -2.73
N ILE A 148 16.00 7.29 -3.98
CA ILE A 148 14.62 7.34 -4.40
C ILE A 148 14.36 6.24 -5.43
N LEU A 149 13.46 5.32 -5.13
CA LEU A 149 13.14 4.27 -6.06
C LEU A 149 11.96 4.63 -6.92
N VAL A 150 11.88 4.01 -8.09
CA VAL A 150 10.78 4.21 -9.04
C VAL A 150 9.86 3.00 -9.06
N GLU A 151 8.65 3.15 -8.52
CA GLU A 151 7.65 2.08 -8.56
C GLU A 151 7.18 1.89 -9.99
N ASN A 152 6.81 3.01 -10.61
CA ASN A 152 6.45 3.01 -12.01
C ASN A 152 6.59 4.41 -12.55
N GLU A 153 6.31 4.55 -13.83
CA GLU A 153 6.47 5.79 -14.58
C GLU A 153 5.87 7.05 -13.90
N ASN A 154 4.77 6.86 -13.19
CA ASN A 154 4.06 7.95 -12.52
C ASN A 154 4.22 7.95 -11.01
N ARG A 155 5.11 7.11 -10.46
CA ARG A 155 5.33 7.15 -9.02
C ARG A 155 6.70 6.75 -8.53
N VAL A 156 7.21 7.55 -7.59
CA VAL A 156 8.47 7.31 -6.91
C VAL A 156 8.26 7.18 -5.40
N LYS A 157 9.19 6.54 -4.71
CA LYS A 157 9.14 6.42 -3.28
C LYS A 157 10.51 6.62 -2.66
N ILE A 158 10.54 7.08 -1.42
CA ILE A 158 11.79 7.18 -0.69
C ILE A 158 12.17 5.78 -0.29
N GLY A 159 13.37 5.36 -0.68
CA GLY A 159 13.73 3.96 -0.71
C GLY A 159 14.79 3.48 0.25
N ASP A 160 15.35 4.37 1.06
CA ASP A 160 16.37 3.95 2.03
C ASP A 160 16.30 4.86 3.23
N PHE A 161 16.43 4.25 4.41
CA PHE A 161 16.36 4.94 5.70
C PHE A 161 17.52 4.58 6.62
N GLY A 162 18.66 4.26 6.02
CA GLY A 162 19.80 3.75 6.74
C GLY A 162 20.52 4.76 7.63
N LEU A 163 20.29 6.04 7.41
CA LEU A 163 20.88 7.09 8.25
C LEU A 163 19.83 7.89 9.01
N THR A 164 18.57 7.49 8.89
CA THR A 164 17.46 8.22 9.48
C THR A 164 17.52 8.20 11.01
N LYS A 165 17.19 9.34 11.63
CA LYS A 165 17.27 9.50 13.08
C LYS A 165 15.95 10.00 13.64
N VAL A 166 15.74 9.73 14.92
CA VAL A 166 14.58 10.22 15.65
C VAL A 166 14.97 11.49 16.39
N LEU A 167 14.17 12.54 16.26
CA LEU A 167 14.40 13.75 17.02
C LEU A 167 14.10 13.46 18.48
N PRO A 168 14.94 13.96 19.40
CA PRO A 168 14.61 13.96 20.82
C PRO A 168 13.23 14.59 21.09
N GLN A 169 12.61 14.23 22.22
CA GLN A 169 11.28 14.73 22.55
C GLN A 169 11.35 16.25 22.74
N ASP A 170 12.47 16.73 23.29
CA ASP A 170 12.60 18.12 23.71
C ASP A 170 13.51 19.01 22.82
N LYS A 171 14.01 18.46 21.72
CA LYS A 171 14.89 19.23 20.82
C LYS A 171 14.44 19.08 19.36
N GLU A 172 14.71 20.10 18.55
CA GLU A 172 14.36 20.12 17.12
C GLU A 172 15.54 19.81 16.17
N PTR A 173 16.64 19.30 16.71
CA PTR A 173 17.72 18.77 15.90
C PTR A 173 18.30 17.55 16.58
O PTR A 173 18.08 17.31 17.76
CB PTR A 173 18.79 19.83 15.64
CG PTR A 173 19.48 20.18 16.92
CD1 PTR A 173 20.50 19.35 17.39
CD2 PTR A 173 19.09 21.31 17.65
CE1 PTR A 173 21.13 19.66 18.58
CE2 PTR A 173 19.74 21.62 18.84
CZ PTR A 173 20.77 20.79 19.30
OH PTR A 173 21.45 21.01 20.48
P PTR A 173 21.68 22.45 21.15
O1P PTR A 173 20.48 22.61 22.06
O2P PTR A 173 21.73 23.45 20.02
O3P PTR A 173 22.99 22.22 21.86
N PTR A 174 19.03 16.76 15.80
CA PTR A 174 19.74 15.60 16.29
C PTR A 174 21.19 15.86 16.00
O PTR A 174 21.53 16.27 14.90
CB PTR A 174 19.22 14.33 15.59
CG PTR A 174 19.93 13.16 16.20
CD1 PTR A 174 19.31 12.41 17.20
CD2 PTR A 174 21.21 12.83 15.78
CE1 PTR A 174 19.99 11.32 17.78
CE2 PTR A 174 21.88 11.77 16.35
CZ PTR A 174 21.28 11.01 17.33
OH PTR A 174 22.04 10.01 17.83
P PTR A 174 21.59 8.54 18.23
O1P PTR A 174 21.22 7.92 16.91
O2P PTR A 174 20.43 8.68 19.21
O3P PTR A 174 22.88 8.03 18.83
N LYS A 175 22.05 15.64 16.98
CA LYS A 175 23.48 15.82 16.77
C LYS A 175 24.13 14.47 16.57
N VAL A 176 24.98 14.35 15.55
CA VAL A 176 25.59 13.06 15.23
C VAL A 176 27.06 12.93 15.65
N GLU A 181 32.08 8.33 6.57
CA GLU A 181 32.01 9.06 5.30
C GLU A 181 30.62 9.62 5.03
N SER A 182 30.52 10.93 4.82
CA SER A 182 29.24 11.61 4.68
C SER A 182 29.07 12.20 3.26
N PRO A 183 27.81 12.37 2.83
CA PRO A 183 27.54 13.00 1.55
C PRO A 183 27.67 14.52 1.65
N ILE A 184 28.88 15.00 1.84
CA ILE A 184 29.08 16.39 2.20
C ILE A 184 28.47 17.37 1.18
N PHE A 185 28.40 16.97 -0.08
CA PHE A 185 27.91 17.88 -1.11
C PHE A 185 26.38 18.00 -1.11
N TRP A 186 25.73 17.17 -0.29
CA TRP A 186 24.30 17.31 -0.05
C TRP A 186 23.96 17.99 1.30
N TYR A 187 24.97 18.21 2.15
CA TYR A 187 24.76 18.63 3.55
C TYR A 187 24.54 20.14 3.70
N ALA A 188 23.82 20.52 4.74
CA ALA A 188 23.68 21.93 5.07
C ALA A 188 24.92 22.37 5.86
N PRO A 189 25.17 23.70 5.88
CA PRO A 189 26.33 24.20 6.60
C PRO A 189 26.36 23.76 8.05
N GLU A 190 25.23 23.85 8.73
CA GLU A 190 25.18 23.48 10.15
C GLU A 190 25.49 21.99 10.36
N SER A 191 25.13 21.15 9.39
CA SER A 191 25.45 19.74 9.44
C SER A 191 26.95 19.58 9.25
N LEU A 192 27.53 20.41 8.41
CA LEU A 192 28.96 20.33 8.17
C LEU A 192 29.74 20.89 9.35
N THR A 193 29.25 21.98 9.96
CA THR A 193 30.01 22.75 10.96
C THR A 193 29.73 22.32 12.38
N GLU A 194 28.49 21.93 12.67
CA GLU A 194 28.10 21.53 14.01
C GLU A 194 27.52 20.14 14.11
N SER A 195 27.47 19.40 12.99
CA SER A 195 26.95 18.02 12.99
C SER A 195 25.46 17.92 13.42
N LYS A 196 24.72 19.02 13.23
CA LYS A 196 23.29 19.14 13.57
C LYS A 196 22.39 18.81 12.37
N PHE A 197 21.49 17.86 12.58
CA PHE A 197 20.54 17.47 11.56
C PHE A 197 19.11 17.72 12.01
N SER A 198 18.28 18.21 11.10
CA SER A 198 16.94 18.65 11.42
C SER A 198 16.06 18.65 10.17
N VAL A 199 14.77 18.97 10.34
CA VAL A 199 13.89 19.07 9.17
C VAL A 199 14.47 20.10 8.23
N ALA A 200 14.90 21.23 8.76
CA ALA A 200 15.60 22.22 7.95
C ALA A 200 16.84 21.70 7.19
N SER A 201 17.56 20.70 7.70
CA SER A 201 18.71 20.16 6.93
C SER A 201 18.21 19.23 5.81
N ASP A 202 17.24 18.38 6.09
CA ASP A 202 16.55 17.62 5.05
C ASP A 202 16.05 18.56 3.92
N VAL A 203 15.51 19.74 4.27
CA VAL A 203 15.02 20.67 3.23
C VAL A 203 16.17 21.16 2.34
N TRP A 204 17.28 21.55 2.93
CA TRP A 204 18.48 21.88 2.18
C TRP A 204 18.76 20.75 1.17
N SER A 205 18.86 19.52 1.65
CA SER A 205 19.19 18.41 0.80
C SER A 205 18.14 18.23 -0.30
N PHE A 206 16.88 18.49 0.05
CA PHE A 206 15.81 18.41 -0.91
C PHE A 206 16.07 19.39 -2.02
N GLY A 207 16.67 20.53 -1.70
CA GLY A 207 17.04 21.50 -2.71
C GLY A 207 18.03 20.88 -3.66
N VAL A 208 18.95 20.09 -3.14
CA VAL A 208 19.98 19.46 -3.96
C VAL A 208 19.35 18.39 -4.85
N VAL A 209 18.40 17.64 -4.27
CA VAL A 209 17.63 16.67 -5.02
C VAL A 209 16.93 17.34 -6.20
N LEU A 210 16.31 18.49 -5.97
CA LEU A 210 15.59 19.21 -7.04
C LEU A 210 16.59 19.66 -8.10
N TYR A 211 17.76 20.07 -7.68
CA TYR A 211 18.81 20.39 -8.62
C TYR A 211 19.14 19.13 -9.44
N GLU A 212 19.45 18.02 -8.77
CA GLU A 212 19.75 16.79 -9.50
C GLU A 212 18.74 16.51 -10.61
N LEU A 213 17.46 16.51 -10.23
CA LEU A 213 16.40 16.21 -11.14
C LEU A 213 16.50 17.09 -12.36
N PHE A 214 16.72 18.38 -12.18
CA PHE A 214 16.75 19.31 -13.33
C PHE A 214 18.06 19.30 -14.10
N THR A 215 19.07 18.60 -13.60
CA THR A 215 20.27 18.39 -14.39
C THR A 215 20.17 17.13 -15.20
N TYR A 216 19.13 16.33 -14.95
CA TYR A 216 18.97 15.02 -15.60
C TYR A 216 20.19 14.15 -15.34
N ILE A 217 20.80 14.34 -14.18
CA ILE A 217 21.98 13.58 -13.77
C ILE A 217 23.11 13.58 -14.81
N GLU A 218 23.10 14.53 -15.75
CA GLU A 218 24.25 14.75 -16.62
C GLU A 218 25.50 14.76 -15.74
N LYS A 219 26.56 14.14 -16.21
CA LYS A 219 27.64 13.70 -15.30
C LYS A 219 28.51 14.85 -14.74
N SER A 220 28.87 15.82 -15.58
CA SER A 220 29.69 16.97 -15.17
C SER A 220 28.92 17.99 -14.32
N LYS A 221 27.62 17.75 -14.15
CA LYS A 221 26.71 18.68 -13.48
C LYS A 221 26.28 18.20 -12.11
N SER A 222 26.83 17.08 -11.67
CA SER A 222 26.49 16.55 -10.38
C SER A 222 26.97 17.52 -9.28
N PRO A 223 26.30 17.51 -8.11
CA PRO A 223 26.74 18.36 -7.00
C PRO A 223 28.22 18.22 -6.63
N PRO A 224 28.75 16.98 -6.56
CA PRO A 224 30.19 16.91 -6.28
C PRO A 224 31.00 17.55 -7.36
N ALA A 225 30.65 17.34 -8.63
CA ALA A 225 31.46 17.87 -9.74
C ALA A 225 31.44 19.39 -9.76
N GLU A 226 30.25 19.96 -9.60
CA GLU A 226 30.07 21.41 -9.56
C GLU A 226 30.84 22.03 -8.40
N PHE A 227 30.67 21.46 -7.20
CA PHE A 227 31.31 22.01 -6.00
C PHE A 227 32.81 21.91 -6.15
N MET A 228 33.31 20.77 -6.59
CA MET A 228 34.74 20.66 -6.83
C MET A 228 35.19 21.73 -7.82
N ARG A 229 34.44 21.91 -8.90
CA ARG A 229 34.77 22.93 -9.89
C ARG A 229 34.90 24.30 -9.23
N MET A 230 33.98 24.61 -8.32
CA MET A 230 33.96 25.92 -7.66
C MET A 230 35.04 26.06 -6.59
N ILE A 231 35.26 25.01 -5.81
CA ILE A 231 36.33 25.02 -4.83
C ILE A 231 37.69 25.15 -5.52
N GLY A 232 37.85 24.41 -6.61
CA GLY A 232 39.15 24.17 -7.22
C GLY A 232 39.36 22.67 -7.16
N ASN A 233 39.73 22.06 -8.28
CA ASN A 233 39.88 20.60 -8.37
C ASN A 233 41.21 20.09 -7.78
N ASP A 234 42.15 21.01 -7.55
CA ASP A 234 43.42 20.73 -6.85
C ASP A 234 43.23 20.28 -5.39
N LYS A 235 42.18 20.79 -4.74
CA LYS A 235 41.94 20.58 -3.30
C LYS A 235 41.76 19.10 -2.94
N GLN A 236 42.21 18.72 -1.74
CA GLN A 236 42.32 17.31 -1.39
C GLN A 236 41.94 16.98 0.05
N GLY A 237 41.19 15.89 0.17
CA GLY A 237 40.86 15.27 1.44
C GLY A 237 40.20 16.14 2.49
N GLN A 238 41.00 16.57 3.45
CA GLN A 238 40.47 17.16 4.68
C GLN A 238 40.10 18.59 4.39
N MET A 239 40.85 19.21 3.47
CA MET A 239 40.63 20.60 3.08
C MET A 239 39.32 20.84 2.35
N ILE A 240 38.89 19.86 1.57
CA ILE A 240 37.69 20.01 0.75
C ILE A 240 36.50 20.49 1.58
N VAL A 241 36.30 19.83 2.71
CA VAL A 241 35.20 20.16 3.60
C VAL A 241 35.33 21.59 4.13
N PHE A 242 36.53 22.00 4.55
CA PHE A 242 36.76 23.36 5.02
C PHE A 242 36.40 24.35 3.92
N HIS A 243 36.91 24.12 2.73
CA HIS A 243 36.65 25.01 1.61
C HIS A 243 35.20 25.00 1.16
N LEU A 244 34.54 23.85 1.26
CA LEU A 244 33.13 23.77 0.94
C LEU A 244 32.34 24.59 1.94
N ILE A 245 32.73 24.54 3.21
CA ILE A 245 32.05 25.29 4.24
C ILE A 245 32.21 26.78 4.02
N GLU A 246 33.41 27.18 3.59
CA GLU A 246 33.74 28.59 3.32
C GLU A 246 32.97 29.13 2.13
N LEU A 247 32.89 28.30 1.09
CA LEU A 247 32.12 28.60 -0.11
C LEU A 247 30.65 28.87 0.23
N LEU A 248 30.04 27.98 1.00
CA LEU A 248 28.65 28.17 1.37
C LEU A 248 28.49 29.39 2.26
N LYS A 249 29.43 29.57 3.20
CA LYS A 249 29.46 30.76 4.08
C LYS A 249 29.39 32.05 3.27
N ASN A 250 30.08 32.08 2.14
CA ASN A 250 30.08 33.24 1.24
C ASN A 250 29.06 33.17 0.12
N ASN A 251 27.99 32.42 0.36
CA ASN A 251 26.87 32.30 -0.58
C ASN A 251 27.18 31.72 -1.95
N GLY A 252 28.25 30.94 -2.06
CA GLY A 252 28.46 30.15 -3.26
C GLY A 252 27.40 29.06 -3.31
N ARG A 253 26.86 28.82 -4.50
CA ARG A 253 25.77 27.86 -4.65
C ARG A 253 25.85 27.15 -5.99
N LEU A 254 25.21 25.98 -6.05
CA LEU A 254 25.12 25.25 -7.30
C LEU A 254 24.44 26.19 -8.26
N PRO A 255 24.88 26.24 -9.52
CA PRO A 255 24.24 27.12 -10.49
C PRO A 255 22.86 26.63 -10.94
N ARG A 256 22.16 27.48 -11.67
CA ARG A 256 20.90 27.10 -12.28
C ARG A 256 21.20 26.12 -13.42
N PRO A 257 20.57 24.94 -13.39
CA PRO A 257 20.76 24.02 -14.51
C PRO A 257 20.16 24.52 -15.80
N ASP A 258 20.78 24.17 -16.92
CA ASP A 258 20.25 24.54 -18.24
C ASP A 258 18.80 24.06 -18.42
N GLY A 259 17.94 24.97 -18.85
CA GLY A 259 16.55 24.65 -19.05
C GLY A 259 15.74 24.75 -17.77
N CYS A 260 16.39 24.98 -16.64
CA CYS A 260 15.64 25.15 -15.41
C CYS A 260 14.99 26.53 -15.42
N PRO A 261 13.65 26.59 -15.28
CA PRO A 261 13.02 27.89 -15.17
C PRO A 261 13.44 28.58 -13.88
N ASP A 262 13.44 29.91 -13.88
CA ASP A 262 13.94 30.67 -12.71
C ASP A 262 13.12 30.39 -11.49
N GLU A 263 11.81 30.24 -11.67
CA GLU A 263 10.92 30.10 -10.53
C GLU A 263 11.24 28.82 -9.81
N ILE A 264 11.75 27.85 -10.54
CA ILE A 264 12.14 26.55 -9.96
C ILE A 264 13.50 26.61 -9.28
N TYR A 265 14.44 27.30 -9.90
CA TYR A 265 15.71 27.59 -9.26
C TYR A 265 15.53 28.37 -7.96
N MET A 266 14.56 29.28 -7.93
CA MET A 266 14.30 30.07 -6.73
C MET A 266 13.92 29.15 -5.55
N ILE A 267 13.24 28.07 -5.83
CA ILE A 267 12.92 27.12 -4.78
C ILE A 267 14.20 26.50 -4.28
N MET A 268 15.10 26.18 -5.19
CA MET A 268 16.37 25.60 -4.79
C MET A 268 17.09 26.56 -3.87
N THR A 269 17.20 27.83 -4.29
CA THR A 269 18.04 28.75 -3.53
C THR A 269 17.41 29.07 -2.20
N GLU A 270 16.09 29.06 -2.14
CA GLU A 270 15.40 29.23 -0.87
C GLU A 270 15.63 28.08 0.09
N CYS A 271 15.73 26.85 -0.43
CA CYS A 271 16.06 25.72 0.41
C CYS A 271 17.49 25.88 0.93
N TRP A 272 18.36 26.44 0.09
CA TRP A 272 19.78 26.61 0.42
C TRP A 272 20.12 27.90 1.17
N ASN A 273 19.30 28.21 2.15
CA ASN A 273 19.47 29.39 2.96
C ASN A 273 20.40 29.06 4.13
N ASN A 274 21.39 29.92 4.37
CA ASN A 274 22.30 29.76 5.51
C ASN A 274 21.54 29.82 6.84
N ASN A 275 20.46 30.58 6.87
CA ASN A 275 19.61 30.64 8.05
C ASN A 275 18.59 29.49 8.11
N VAL A 276 18.77 28.66 9.13
CA VAL A 276 18.00 27.44 9.31
C VAL A 276 16.50 27.74 9.29
N ASN A 277 16.07 28.70 10.11
CA ASN A 277 14.63 28.96 10.30
C ASN A 277 13.95 29.61 9.11
N GLN A 278 14.70 30.23 8.23
CA GLN A 278 14.12 30.83 7.02
C GLN A 278 13.91 29.84 5.87
N ARG A 279 14.31 28.58 6.07
CA ARG A 279 14.10 27.58 5.03
C ARG A 279 12.63 27.18 5.04
N PRO A 280 12.07 26.85 3.84
CA PRO A 280 10.64 26.53 3.77
C PRO A 280 10.30 25.21 4.44
N SER A 281 9.00 24.98 4.64
CA SER A 281 8.53 23.70 5.12
C SER A 281 8.20 22.80 3.92
N PHE A 282 8.26 21.48 4.14
CA PHE A 282 7.91 20.54 3.10
C PHE A 282 6.46 20.70 2.63
N ARG A 283 5.60 21.27 3.50
CA ARG A 283 4.23 21.56 3.07
C ARG A 283 4.22 22.75 2.12
N ASP A 284 4.88 23.85 2.48
CA ASP A 284 4.96 24.98 1.55
C ASP A 284 5.47 24.57 0.18
N LEU A 285 6.53 23.77 0.18
CA LEU A 285 7.18 23.35 -1.06
C LEU A 285 6.23 22.56 -1.94
N ALA A 286 5.58 21.55 -1.35
CA ALA A 286 4.63 20.72 -2.10
C ALA A 286 3.61 21.57 -2.86
N LEU A 287 3.08 22.58 -2.18
CA LEU A 287 2.09 23.43 -2.77
C LEU A 287 2.68 24.24 -3.91
N ARG A 288 3.78 24.93 -3.64
CA ARG A 288 4.41 25.77 -4.66
C ARG A 288 4.82 24.96 -5.88
N VAL A 289 5.23 23.70 -5.65
CA VAL A 289 5.56 22.80 -6.75
C VAL A 289 4.31 22.41 -7.52
N ASP A 290 3.30 21.91 -6.83
CA ASP A 290 2.03 21.52 -7.49
C ASP A 290 1.45 22.70 -8.29
N GLN A 291 1.43 23.87 -7.65
CA GLN A 291 0.96 25.09 -8.28
C GLN A 291 1.73 25.39 -9.57
N ILE A 292 3.06 25.38 -9.50
CA ILE A 292 3.90 25.58 -10.68
C ILE A 292 3.62 24.53 -11.76
N ARG A 293 3.37 23.29 -11.33
CA ARG A 293 3.09 22.20 -12.25
C ARG A 293 1.80 22.45 -13.06
N ASP A 294 0.76 22.90 -12.36
CA ASP A 294 -0.51 23.32 -13.00
C ASP A 294 -0.27 24.22 -14.21
N GLN A 295 0.51 25.27 -13.97
CA GLN A 295 0.73 26.34 -14.94
C GLN A 295 1.49 25.96 -16.21
N MET A 296 2.06 24.75 -16.24
CA MET A 296 2.68 24.23 -17.46
C MET A 296 1.70 23.27 -18.11
N GLN B 9 -2.21 -34.11 -9.10
CA GLN B 9 -3.65 -34.47 -9.33
C GLN B 9 -4.32 -34.87 -8.01
N PHE B 10 -5.62 -34.57 -7.89
CA PHE B 10 -6.40 -34.99 -6.72
C PHE B 10 -7.39 -36.10 -7.11
N GLU B 11 -7.45 -37.18 -6.32
CA GLU B 11 -8.31 -38.33 -6.61
C GLU B 11 -9.40 -38.54 -5.54
N GLU B 12 -10.67 -38.61 -5.97
CA GLU B 12 -11.85 -38.56 -5.05
C GLU B 12 -12.03 -39.74 -4.08
N ARG B 13 -11.27 -40.81 -4.27
CA ARG B 13 -11.21 -41.94 -3.32
C ARG B 13 -10.36 -41.61 -2.09
N HIS B 14 -9.60 -40.51 -2.14
CA HIS B 14 -8.69 -40.14 -1.05
C HIS B 14 -9.19 -38.96 -0.21
N LEU B 15 -10.41 -38.50 -0.49
CA LEU B 15 -11.05 -37.50 0.33
C LEU B 15 -11.80 -38.17 1.47
N LYS B 16 -11.39 -37.90 2.70
CA LYS B 16 -12.07 -38.39 3.89
C LYS B 16 -12.94 -37.26 4.50
N PHE B 17 -14.26 -37.44 4.45
CA PHE B 17 -15.22 -36.48 5.00
C PHE B 17 -15.06 -36.26 6.51
N LEU B 18 -14.97 -34.99 6.92
CA LEU B 18 -14.83 -34.63 8.33
C LEU B 18 -16.06 -33.92 8.87
N GLN B 19 -16.46 -32.82 8.22
CA GLN B 19 -17.74 -32.18 8.53
C GLN B 19 -18.19 -31.30 7.40
N GLN B 20 -19.48 -30.99 7.42
CA GLN B 20 -20.04 -29.96 6.55
C GLN B 20 -19.60 -28.59 7.04
N LEU B 21 -19.33 -27.68 6.11
CA LEU B 21 -19.02 -26.30 6.44
C LEU B 21 -20.16 -25.33 6.08
N GLY B 22 -21.00 -25.69 5.10
CA GLY B 22 -22.24 -24.93 4.79
C GLY B 22 -22.92 -25.26 3.46
N LYS B 23 -24.03 -24.55 3.15
CA LYS B 23 -24.81 -24.77 1.90
C LYS B 23 -24.78 -23.52 0.99
N GLY B 27 -25.15 -25.74 -4.09
CA GLY B 27 -23.71 -25.88 -3.85
C GLY B 27 -23.24 -25.79 -2.39
N SER B 28 -22.61 -26.88 -1.92
CA SER B 28 -22.16 -27.00 -0.55
C SER B 28 -20.64 -26.95 -0.43
N VAL B 29 -20.16 -26.78 0.81
CA VAL B 29 -18.74 -26.80 1.13
C VAL B 29 -18.50 -27.76 2.30
N GLU B 30 -17.50 -28.64 2.19
CA GLU B 30 -17.16 -29.52 3.31
C GLU B 30 -15.69 -29.48 3.68
N MET B 31 -15.41 -29.93 4.90
CA MET B 31 -14.03 -30.11 5.40
C MET B 31 -13.62 -31.55 5.18
N CYS B 32 -12.49 -31.73 4.49
CA CYS B 32 -12.02 -33.05 4.12
C CYS B 32 -10.54 -33.16 4.31
N ARG B 33 -10.09 -34.40 4.46
CA ARG B 33 -8.69 -34.68 4.50
C ARG B 33 -8.34 -35.32 3.18
N TYR B 34 -7.32 -34.80 2.52
CA TYR B 34 -6.76 -35.44 1.32
C TYR B 34 -5.57 -36.27 1.79
N ASP B 35 -5.77 -37.60 1.85
CA ASP B 35 -4.85 -38.54 2.51
C ASP B 35 -4.60 -39.78 1.64
N PRO B 36 -3.77 -39.64 0.59
CA PRO B 36 -3.58 -40.78 -0.28
C PRO B 36 -2.78 -41.92 0.39
N LEU B 37 -1.99 -41.57 1.40
CA LEU B 37 -1.19 -42.57 2.15
C LEU B 37 -2.00 -43.39 3.15
N GLN B 38 -3.33 -43.31 3.11
CA GLN B 38 -4.18 -44.04 4.04
C GLN B 38 -3.67 -43.98 5.50
N ASP B 39 -2.93 -42.92 5.82
CA ASP B 39 -2.14 -42.89 7.06
C ASP B 39 -2.42 -41.64 7.92
N ASN B 40 -3.44 -40.87 7.55
CA ASN B 40 -3.87 -39.68 8.29
C ASN B 40 -2.87 -38.51 8.28
N THR B 41 -1.79 -38.60 7.51
CA THR B 41 -0.82 -37.51 7.43
C THR B 41 -1.35 -36.36 6.56
N GLY B 42 -2.25 -36.69 5.64
CA GLY B 42 -2.77 -35.73 4.70
C GLY B 42 -3.24 -34.44 5.36
N GLU B 43 -3.23 -33.37 4.57
CA GLU B 43 -3.64 -32.07 5.08
C GLU B 43 -5.16 -31.91 4.96
N VAL B 44 -5.69 -31.01 5.78
CA VAL B 44 -7.12 -30.67 5.75
C VAL B 44 -7.36 -29.56 4.71
N VAL B 45 -8.42 -29.74 3.91
CA VAL B 45 -8.74 -28.88 2.77
C VAL B 45 -10.23 -28.64 2.73
N ALA B 46 -10.60 -27.54 2.09
CA ALA B 46 -12.00 -27.19 1.93
C ALA B 46 -12.39 -27.65 0.54
N VAL B 47 -13.61 -28.17 0.42
CA VAL B 47 -14.08 -28.83 -0.80
C VAL B 47 -15.44 -28.29 -1.17
N LYS B 48 -15.54 -27.72 -2.37
CA LYS B 48 -16.78 -27.12 -2.86
C LYS B 48 -17.32 -27.92 -4.03
N LYS B 49 -18.63 -28.11 -4.05
CA LYS B 49 -19.32 -28.87 -5.09
C LYS B 49 -20.71 -28.31 -5.28
N LEU B 50 -21.52 -28.93 -6.14
CA LEU B 50 -22.87 -28.41 -6.41
C LEU B 50 -24.02 -29.18 -5.76
N HIS B 57 -25.71 -24.02 -14.27
CA HIS B 57 -25.07 -24.03 -12.95
C HIS B 57 -23.69 -24.70 -12.93
N LEU B 58 -23.44 -25.65 -13.84
CA LEU B 58 -22.11 -26.23 -14.02
C LEU B 58 -21.17 -25.34 -14.82
N ARG B 59 -21.69 -24.67 -15.86
CA ARG B 59 -20.87 -23.78 -16.69
C ARG B 59 -20.21 -22.73 -15.82
N ASP B 60 -21.03 -22.02 -15.03
CA ASP B 60 -20.56 -20.97 -14.13
C ASP B 60 -19.51 -21.47 -13.11
N PHE B 61 -19.73 -22.67 -12.59
CA PHE B 61 -18.81 -23.25 -11.61
C PHE B 61 -17.42 -23.47 -12.23
N GLU B 62 -17.36 -23.79 -13.51
CA GLU B 62 -16.09 -24.01 -14.17
C GLU B 62 -15.28 -22.73 -14.32
N ARG B 63 -15.98 -21.61 -14.45
CA ARG B 63 -15.33 -20.29 -14.54
C ARG B 63 -14.71 -19.92 -13.22
N GLU B 64 -15.53 -19.96 -12.17
CA GLU B 64 -15.10 -19.69 -10.81
C GLU B 64 -13.78 -20.38 -10.53
N ILE B 65 -13.70 -21.64 -10.95
CA ILE B 65 -12.51 -22.44 -10.72
C ILE B 65 -11.33 -21.86 -11.48
N GLU B 66 -11.51 -21.57 -12.76
CA GLU B 66 -10.50 -20.87 -13.57
C GLU B 66 -10.12 -19.51 -12.97
N ILE B 67 -11.14 -18.79 -12.48
CA ILE B 67 -10.95 -17.48 -11.84
C ILE B 67 -10.06 -17.60 -10.61
N LEU B 68 -10.41 -18.53 -9.72
CA LEU B 68 -9.63 -18.70 -8.51
C LEU B 68 -8.21 -19.17 -8.82
N LYS B 69 -8.06 -20.11 -9.77
CA LYS B 69 -6.71 -20.58 -10.19
C LYS B 69 -5.84 -19.41 -10.69
N SER B 70 -6.45 -18.46 -11.39
CA SER B 70 -5.75 -17.29 -11.90
C SER B 70 -5.29 -16.31 -10.79
N LEU B 71 -5.78 -16.50 -9.57
CA LEU B 71 -5.54 -15.57 -8.47
C LEU B 71 -4.51 -16.07 -7.49
N GLN B 72 -3.53 -15.21 -7.23
CA GLN B 72 -2.40 -15.52 -6.37
C GLN B 72 -2.21 -14.34 -5.42
N HIS B 73 -2.76 -14.43 -4.21
CA HIS B 73 -2.69 -13.30 -3.26
C HIS B 73 -2.90 -13.71 -1.81
N ASP B 74 -2.26 -12.93 -0.93
CA ASP B 74 -2.26 -13.11 0.52
C ASP B 74 -3.63 -13.08 1.20
N ASN B 75 -4.55 -12.32 0.60
CA ASN B 75 -5.88 -12.08 1.15
C ASN B 75 -6.96 -12.68 0.27
N ILE B 76 -6.56 -13.70 -0.50
CA ILE B 76 -7.44 -14.50 -1.32
C ILE B 76 -7.14 -15.99 -1.09
N VAL B 77 -8.18 -16.74 -0.70
CA VAL B 77 -8.05 -18.16 -0.38
C VAL B 77 -7.38 -18.93 -1.51
N LYS B 78 -6.43 -19.79 -1.16
CA LYS B 78 -5.62 -20.51 -2.14
C LYS B 78 -6.35 -21.65 -2.84
N TYR B 79 -6.39 -21.58 -4.16
CA TYR B 79 -6.73 -22.71 -5.00
C TYR B 79 -5.68 -23.82 -4.80
N LYS B 80 -6.16 -25.04 -4.56
CA LYS B 80 -5.28 -26.22 -4.48
C LYS B 80 -5.39 -27.12 -5.72
N GLY B 81 -6.62 -27.41 -6.13
CA GLY B 81 -6.86 -28.17 -7.35
C GLY B 81 -8.33 -28.46 -7.58
N VAL B 82 -8.58 -29.48 -8.40
CA VAL B 82 -9.93 -29.95 -8.75
C VAL B 82 -9.96 -31.48 -8.68
N CYS B 83 -11.14 -32.10 -8.79
CA CYS B 83 -11.20 -33.57 -8.92
C CYS B 83 -12.55 -34.08 -9.43
N LEU B 91 -17.66 -32.64 -10.58
CA LEU B 91 -16.60 -31.66 -10.35
C LEU B 91 -16.61 -31.23 -8.90
N LYS B 92 -15.41 -31.11 -8.32
CA LYS B 92 -15.21 -30.58 -6.98
C LYS B 92 -14.02 -29.64 -6.95
N LEU B 93 -14.20 -28.50 -6.27
CA LEU B 93 -13.15 -27.50 -6.12
C LEU B 93 -12.48 -27.68 -4.76
N ILE B 94 -11.15 -27.74 -4.77
CA ILE B 94 -10.36 -28.01 -3.56
C ILE B 94 -9.46 -26.82 -3.26
N MET B 95 -9.61 -26.28 -2.04
CA MET B 95 -8.87 -25.10 -1.58
C MET B 95 -8.32 -25.29 -0.19
N GLU B 96 -7.43 -24.38 0.19
CA GLU B 96 -6.85 -24.41 1.52
C GLU B 96 -8.00 -24.24 2.50
N TYR B 97 -7.84 -24.85 3.68
CA TYR B 97 -8.84 -24.78 4.70
C TYR B 97 -8.39 -23.72 5.69
N LEU B 98 -9.20 -22.67 5.82
CA LEU B 98 -8.92 -21.61 6.77
C LEU B 98 -9.71 -21.90 8.04
N PRO B 99 -8.99 -22.14 9.16
CA PRO B 99 -9.52 -22.80 10.36
C PRO B 99 -10.57 -22.07 11.22
N TYR B 100 -10.67 -20.74 11.11
CA TYR B 100 -11.56 -19.96 12.01
C TYR B 100 -12.89 -19.53 11.40
N GLY B 101 -13.07 -19.77 10.11
CA GLY B 101 -14.39 -19.61 9.49
C GLY B 101 -14.71 -18.22 9.01
N SER B 102 -15.99 -17.91 8.85
CA SER B 102 -16.34 -16.63 8.27
C SER B 102 -16.10 -15.49 9.25
N LEU B 103 -15.62 -14.38 8.73
CA LEU B 103 -15.41 -13.20 9.53
C LEU B 103 -16.72 -12.81 10.22
N ARG B 104 -17.85 -12.98 9.52
CA ARG B 104 -19.17 -12.64 10.09
C ARG B 104 -19.35 -13.37 11.41
N ASP B 105 -19.01 -14.65 11.45
CA ASP B 105 -19.23 -15.46 12.64
C ASP B 105 -18.14 -15.22 13.70
N TYR B 106 -16.89 -15.09 13.25
CA TYR B 106 -15.76 -14.87 14.14
C TYR B 106 -15.95 -13.60 14.99
N LEU B 107 -16.38 -12.53 14.34
CA LEU B 107 -16.75 -11.31 15.06
C LEU B 107 -17.81 -11.53 16.12
N GLN B 108 -18.82 -12.33 15.82
CA GLN B 108 -19.84 -12.63 16.82
C GLN B 108 -19.28 -13.46 17.96
N ALA B 109 -18.37 -14.35 17.63
CA ALA B 109 -17.82 -15.24 18.59
C ALA B 109 -16.90 -14.47 19.50
N HIS B 110 -15.91 -13.80 18.92
CA HIS B 110 -14.79 -13.26 19.70
C HIS B 110 -14.75 -11.72 19.74
N ALA B 111 -15.92 -11.08 19.75
CA ALA B 111 -15.97 -9.63 19.80
C ALA B 111 -15.08 -9.06 20.91
N GLU B 112 -15.04 -9.77 22.04
CA GLU B 112 -14.31 -9.33 23.24
C GLU B 112 -12.82 -9.10 23.07
N ARG B 113 -12.25 -9.53 21.95
CA ARG B 113 -10.83 -9.30 21.71
C ARG B 113 -10.58 -8.48 20.45
N ILE B 114 -11.64 -8.25 19.66
CA ILE B 114 -11.51 -7.48 18.44
C ILE B 114 -11.82 -6.02 18.72
N ASP B 115 -10.78 -5.21 18.69
CA ASP B 115 -10.90 -3.77 18.87
C ASP B 115 -10.87 -3.06 17.54
N HIS B 116 -11.02 -1.75 17.56
CA HIS B 116 -11.18 -0.99 16.32
C HIS B 116 -9.95 -1.05 15.43
N ILE B 117 -8.77 -1.16 16.04
CA ILE B 117 -7.54 -1.32 15.26
C ILE B 117 -7.57 -2.65 14.53
N LYS B 118 -8.11 -3.67 15.21
CA LYS B 118 -8.27 -4.98 14.59
C LYS B 118 -9.25 -4.94 13.41
N LEU B 119 -10.42 -4.33 13.61
CA LEU B 119 -11.36 -4.15 12.52
C LEU B 119 -10.69 -3.40 11.33
N LEU B 120 -9.89 -2.40 11.62
CA LEU B 120 -9.19 -1.70 10.53
C LEU B 120 -8.09 -2.55 9.89
N GLN B 121 -7.54 -3.50 10.63
CA GLN B 121 -6.57 -4.44 10.08
C GLN B 121 -7.24 -5.28 8.97
N TYR B 122 -8.36 -5.88 9.33
CA TYR B 122 -9.14 -6.67 8.38
C TYR B 122 -9.55 -5.79 7.21
N THR B 123 -10.11 -4.62 7.52
CA THR B 123 -10.58 -3.67 6.52
C THR B 123 -9.52 -3.41 5.46
N SER B 124 -8.28 -3.24 5.91
CA SER B 124 -7.18 -2.94 4.98
C SER B 124 -6.81 -4.14 4.14
N GLN B 125 -6.84 -5.30 4.76
CA GLN B 125 -6.55 -6.54 4.05
C GLN B 125 -7.59 -6.80 2.96
N ILE B 126 -8.85 -6.58 3.29
CA ILE B 126 -9.92 -6.80 2.32
C ILE B 126 -9.66 -5.89 1.12
N CYS B 127 -9.28 -4.66 1.40
CA CYS B 127 -8.97 -3.70 0.36
C CYS B 127 -7.91 -4.17 -0.57
N LYS B 128 -6.78 -4.58 0.00
CA LYS B 128 -5.63 -5.04 -0.80
C LYS B 128 -6.03 -6.21 -1.69
N GLY B 129 -6.79 -7.16 -1.13
CA GLY B 129 -7.36 -8.24 -1.93
C GLY B 129 -8.19 -7.74 -3.11
N MET B 130 -9.05 -6.75 -2.85
CA MET B 130 -9.95 -6.21 -3.88
C MET B 130 -9.16 -5.42 -4.88
N GLU B 131 -8.09 -4.78 -4.42
CA GLU B 131 -7.22 -4.03 -5.32
C GLU B 131 -6.63 -4.95 -6.36
N TYR B 132 -6.12 -6.10 -5.88
CA TYR B 132 -5.48 -7.11 -6.71
C TYR B 132 -6.50 -7.70 -7.68
N LEU B 133 -7.71 -7.94 -7.18
CA LEU B 133 -8.78 -8.42 -8.02
C LEU B 133 -9.00 -7.48 -9.19
N GLY B 134 -8.96 -6.18 -8.87
CA GLY B 134 -9.20 -5.13 -9.85
C GLY B 134 -8.19 -5.13 -10.97
N THR B 135 -6.97 -5.54 -10.69
CA THR B 135 -5.93 -5.56 -11.72
C THR B 135 -6.16 -6.65 -12.73
N LYS B 136 -7.04 -7.59 -12.40
CA LYS B 136 -7.36 -8.69 -13.29
C LYS B 136 -8.69 -8.44 -13.95
N ARG B 137 -9.24 -7.25 -13.74
CA ARG B 137 -10.52 -6.88 -14.29
C ARG B 137 -11.65 -7.79 -13.82
N TYR B 138 -11.54 -8.28 -12.59
CA TYR B 138 -12.57 -9.13 -12.03
C TYR B 138 -13.50 -8.32 -11.12
N ILE B 139 -14.80 -8.59 -11.21
CA ILE B 139 -15.78 -7.97 -10.36
C ILE B 139 -16.31 -9.07 -9.43
N HIS B 140 -16.26 -8.83 -8.12
CA HIS B 140 -16.62 -9.86 -7.16
C HIS B 140 -18.15 -10.02 -6.97
N ARG B 141 -18.88 -8.92 -6.83
CA ARG B 141 -20.38 -8.92 -6.78
C ARG B 141 -21.05 -9.39 -5.47
N ASP B 142 -20.30 -10.01 -4.57
CA ASP B 142 -20.90 -10.58 -3.36
C ASP B 142 -19.99 -10.33 -2.17
N LEU B 143 -19.48 -9.11 -2.10
CA LEU B 143 -18.55 -8.75 -1.06
C LEU B 143 -19.32 -8.47 0.23
N ALA B 144 -19.14 -9.33 1.22
CA ALA B 144 -19.83 -9.23 2.49
C ALA B 144 -19.01 -9.98 3.50
N THR B 145 -19.23 -9.73 4.80
CA THR B 145 -18.37 -10.38 5.78
C THR B 145 -18.55 -11.89 5.78
N ARG B 146 -19.68 -12.40 5.32
CA ARG B 146 -19.85 -13.86 5.30
C ARG B 146 -19.07 -14.57 4.20
N ASN B 147 -18.51 -13.83 3.26
CA ASN B 147 -17.58 -14.39 2.26
C ASN B 147 -16.13 -14.02 2.52
N ILE B 148 -15.82 -13.71 3.78
CA ILE B 148 -14.48 -13.45 4.20
C ILE B 148 -14.15 -14.52 5.24
N LEU B 149 -13.04 -15.21 5.03
CA LEU B 149 -12.59 -16.23 5.97
C LEU B 149 -11.46 -15.70 6.83
N VAL B 150 -11.30 -16.33 7.99
CA VAL B 150 -10.24 -15.99 8.93
C VAL B 150 -9.18 -17.08 8.97
N GLU B 151 -8.00 -16.77 8.41
CA GLU B 151 -6.84 -17.69 8.45
C GLU B 151 -6.31 -17.80 9.87
N ASN B 152 -6.16 -16.64 10.49
CA ASN B 152 -5.81 -16.56 11.88
C ASN B 152 -6.21 -15.18 12.43
N GLU B 153 -5.93 -14.99 13.70
CA GLU B 153 -6.26 -13.76 14.45
C GLU B 153 -5.83 -12.46 13.74
N ASN B 154 -4.68 -12.50 13.06
CA ASN B 154 -4.13 -11.35 12.35
C ASN B 154 -4.28 -11.40 10.81
N ARG B 155 -5.04 -12.35 10.28
CA ARG B 155 -5.22 -12.39 8.83
C ARG B 155 -6.54 -12.99 8.32
N VAL B 156 -7.16 -12.27 7.40
CA VAL B 156 -8.40 -12.67 6.77
C VAL B 156 -8.18 -12.72 5.27
N LYS B 157 -9.00 -13.53 4.58
CA LYS B 157 -8.94 -13.64 3.12
C LYS B 157 -10.34 -13.63 2.54
N ILE B 158 -10.46 -13.20 1.30
CA ILE B 158 -11.71 -13.27 0.58
C ILE B 158 -11.92 -14.71 0.18
N GLY B 159 -13.07 -15.25 0.57
CA GLY B 159 -13.23 -16.71 0.62
C GLY B 159 -14.23 -17.37 -0.32
N ASP B 160 -14.86 -16.59 -1.20
CA ASP B 160 -15.80 -17.15 -2.18
C ASP B 160 -15.89 -16.26 -3.40
N PHE B 161 -15.89 -16.87 -4.58
CA PHE B 161 -15.90 -16.15 -5.85
C PHE B 161 -16.96 -16.69 -6.78
N GLY B 162 -18.05 -17.15 -6.17
CA GLY B 162 -19.10 -17.82 -6.88
C GLY B 162 -19.92 -16.93 -7.81
N LEU B 163 -19.88 -15.63 -7.60
CA LEU B 163 -20.61 -14.70 -8.45
C LEU B 163 -19.66 -13.79 -9.25
N THR B 164 -18.37 -14.07 -9.15
CA THR B 164 -17.38 -13.18 -9.72
C THR B 164 -17.44 -13.18 -11.22
N LYS B 165 -17.28 -12.02 -11.85
CA LYS B 165 -17.37 -11.90 -13.29
C LYS B 165 -16.09 -11.31 -13.86
N VAL B 166 -15.90 -11.48 -15.15
CA VAL B 166 -14.80 -10.85 -15.85
C VAL B 166 -15.32 -9.67 -16.63
N LEU B 167 -14.67 -8.52 -16.48
CA LEU B 167 -15.03 -7.38 -17.29
C LEU B 167 -14.66 -7.68 -18.74
N PRO B 168 -15.56 -7.33 -19.69
CA PRO B 168 -15.19 -7.29 -21.11
C PRO B 168 -13.90 -6.49 -21.35
N GLN B 169 -13.25 -6.73 -22.48
CA GLN B 169 -12.01 -6.04 -22.82
C GLN B 169 -12.28 -4.54 -23.03
N ASP B 170 -13.44 -4.23 -23.61
CA ASP B 170 -13.77 -2.88 -24.07
C ASP B 170 -14.80 -2.13 -23.22
N LYS B 171 -15.19 -2.72 -22.08
CA LYS B 171 -16.15 -2.07 -21.17
C LYS B 171 -15.67 -2.13 -19.72
N GLU B 172 -16.12 -1.16 -18.91
CA GLU B 172 -15.78 -1.08 -17.50
C GLU B 172 -16.89 -1.57 -16.53
N PTR B 173 -17.95 -2.16 -17.08
CA PTR B 173 -18.96 -2.79 -16.24
C PTR B 173 -19.40 -4.05 -16.89
O PTR B 173 -19.23 -4.20 -18.09
CB PTR B 173 -20.19 -1.90 -16.01
CG PTR B 173 -20.88 -1.66 -17.33
CD1 PTR B 173 -21.78 -2.62 -17.79
CD2 PTR B 173 -20.62 -0.53 -18.08
CE1 PTR B 173 -22.41 -2.44 -19.02
CE2 PTR B 173 -21.26 -0.35 -19.31
CZ PTR B 173 -22.16 -1.31 -19.79
OH PTR B 173 -22.81 -1.21 -20.98
P PTR B 173 -23.28 0.18 -21.62
O1P PTR B 173 -22.16 0.54 -22.54
O2P PTR B 173 -23.48 1.13 -20.46
O3P PTR B 173 -24.56 -0.28 -22.26
N PTR B 174 -19.97 -4.95 -16.11
CA PTR B 174 -20.52 -6.20 -16.61
C PTR B 174 -21.99 -6.18 -16.30
O PTR B 174 -22.37 -5.92 -15.18
CB PTR B 174 -19.83 -7.37 -15.91
CG PTR B 174 -20.34 -8.65 -16.53
CD1 PTR B 174 -19.59 -9.33 -17.49
CD2 PTR B 174 -21.55 -9.14 -16.12
CE1 PTR B 174 -20.08 -10.50 -18.05
CE2 PTR B 174 -22.04 -10.31 -16.66
CZ PTR B 174 -21.31 -10.99 -17.63
OH PTR B 174 -21.90 -12.10 -18.15
P PTR B 174 -21.35 -13.55 -18.50
O1P PTR B 174 -21.00 -14.14 -17.17
O2P PTR B 174 -20.19 -13.27 -19.43
O3P PTR B 174 -22.60 -14.13 -19.12
N LYS B 175 -22.83 -6.47 -17.30
CA LYS B 175 -24.29 -6.47 -17.11
C LYS B 175 -24.78 -7.88 -16.90
N VAL B 176 -25.58 -8.13 -15.86
CA VAL B 176 -25.96 -9.49 -15.52
C VAL B 176 -27.29 -10.06 -16.08
N LYS B 177 -28.43 -9.39 -15.96
CA LYS B 177 -29.68 -9.87 -16.64
C LYS B 177 -30.12 -11.35 -16.42
N GLU B 178 -29.38 -12.10 -15.62
CA GLU B 178 -29.73 -13.46 -15.24
C GLU B 178 -29.83 -13.49 -13.71
N PRO B 179 -30.72 -12.65 -13.13
CA PRO B 179 -30.69 -12.25 -11.71
C PRO B 179 -30.62 -13.38 -10.65
N GLY B 180 -31.74 -14.04 -10.36
CA GLY B 180 -31.82 -15.04 -9.27
C GLY B 180 -32.29 -14.40 -7.96
N GLU B 181 -31.69 -14.83 -6.84
CA GLU B 181 -31.83 -14.14 -5.54
C GLU B 181 -30.53 -13.39 -5.27
N SER B 182 -30.61 -12.06 -5.19
CA SER B 182 -29.45 -11.22 -5.06
C SER B 182 -29.41 -10.60 -3.67
N PRO B 183 -28.20 -10.35 -3.14
CA PRO B 183 -28.05 -9.68 -1.84
C PRO B 183 -28.37 -8.18 -1.98
N ILE B 184 -29.63 -7.84 -2.15
CA ILE B 184 -29.99 -6.46 -2.53
C ILE B 184 -29.48 -5.38 -1.54
N PHE B 185 -29.32 -5.75 -0.27
CA PHE B 185 -28.99 -4.78 0.75
C PHE B 185 -27.49 -4.48 0.77
N TRP B 186 -26.74 -5.19 -0.06
CA TRP B 186 -25.35 -4.88 -0.31
C TRP B 186 -25.10 -4.17 -1.68
N TYR B 187 -26.14 -4.09 -2.51
CA TYR B 187 -26.01 -3.69 -3.93
C TYR B 187 -26.03 -2.21 -4.11
N ALA B 188 -25.41 -1.73 -5.19
CA ALA B 188 -25.39 -0.32 -5.49
C ALA B 188 -26.65 -0.01 -6.28
N PRO B 189 -27.04 1.27 -6.29
CA PRO B 189 -28.26 1.60 -7.01
C PRO B 189 -28.22 1.08 -8.43
N GLU B 190 -27.13 1.36 -9.16
CA GLU B 190 -27.03 0.97 -10.57
C GLU B 190 -27.09 -0.55 -10.76
N SER B 191 -26.56 -1.33 -9.81
CA SER B 191 -26.76 -2.77 -9.82
C SER B 191 -28.21 -3.16 -9.60
N LEU B 192 -28.92 -2.38 -8.79
CA LEU B 192 -30.35 -2.65 -8.56
C LEU B 192 -31.19 -2.21 -9.75
N THR B 193 -30.89 -1.06 -10.31
CA THR B 193 -31.73 -0.47 -11.37
C THR B 193 -31.42 -0.94 -12.80
N GLU B 194 -30.14 -1.16 -13.09
CA GLU B 194 -29.66 -1.49 -14.44
C GLU B 194 -28.85 -2.79 -14.50
N SER B 195 -28.71 -3.46 -13.36
CA SER B 195 -28.00 -4.74 -13.30
C SER B 195 -26.50 -4.64 -13.66
N LYS B 196 -25.94 -3.44 -13.53
CA LYS B 196 -24.54 -3.17 -13.88
C LYS B 196 -23.58 -3.37 -12.71
N PHE B 197 -22.58 -4.23 -12.89
CA PHE B 197 -21.58 -4.47 -11.89
C PHE B 197 -20.18 -4.08 -12.34
N SER B 198 -19.43 -3.46 -11.42
CA SER B 198 -18.18 -2.80 -11.76
C SER B 198 -17.30 -2.71 -10.52
N VAL B 199 -16.08 -2.20 -10.66
CA VAL B 199 -15.24 -1.99 -9.48
C VAL B 199 -15.96 -1.02 -8.54
N ALA B 200 -16.50 0.05 -9.09
CA ALA B 200 -17.32 0.98 -8.32
C ALA B 200 -18.51 0.33 -7.54
N SER B 201 -19.10 -0.75 -8.06
CA SER B 201 -20.16 -1.42 -7.30
C SER B 201 -19.55 -2.23 -6.16
N ASP B 202 -18.44 -2.92 -6.44
CA ASP B 202 -17.68 -3.59 -5.38
C ASP B 202 -17.27 -2.62 -4.25
N VAL B 203 -16.92 -1.38 -4.62
CA VAL B 203 -16.58 -0.39 -3.60
C VAL B 203 -17.76 -0.04 -2.69
N TRP B 204 -18.95 0.15 -3.28
CA TRP B 204 -20.19 0.37 -2.54
C TRP B 204 -20.34 -0.75 -1.50
N SER B 205 -20.24 -1.99 -1.95
CA SER B 205 -20.44 -3.15 -1.07
C SER B 205 -19.37 -3.19 -0.01
N PHE B 206 -18.16 -2.78 -0.38
CA PHE B 206 -17.10 -2.65 0.58
C PHE B 206 -17.52 -1.71 1.71
N GLY B 207 -18.18 -0.62 1.35
CA GLY B 207 -18.72 0.28 2.33
C GLY B 207 -19.67 -0.42 3.31
N VAL B 208 -20.47 -1.36 2.82
CA VAL B 208 -21.43 -2.09 3.65
C VAL B 208 -20.66 -3.07 4.52
N VAL B 209 -19.61 -3.67 3.96
CA VAL B 209 -18.69 -4.53 4.73
C VAL B 209 -18.06 -3.75 5.89
N LEU B 210 -17.58 -2.55 5.60
CA LEU B 210 -16.99 -1.73 6.66
C LEU B 210 -18.03 -1.42 7.74
N TYR B 211 -19.26 -1.17 7.30
CA TYR B 211 -20.39 -1.00 8.22
C TYR B 211 -20.56 -2.28 9.05
N GLU B 212 -20.73 -3.44 8.42
CA GLU B 212 -20.89 -4.67 9.20
C GLU B 212 -19.85 -4.78 10.31
N LEU B 213 -18.59 -4.62 9.92
CA LEU B 213 -17.48 -4.79 10.83
C LEU B 213 -17.70 -3.94 12.06
N PHE B 214 -18.02 -2.67 11.85
CA PHE B 214 -18.19 -1.76 13.00
C PHE B 214 -19.52 -1.91 13.74
N THR B 215 -20.42 -2.76 13.26
CA THR B 215 -21.60 -3.13 14.04
C THR B 215 -21.30 -4.36 14.88
N TYR B 216 -20.17 -5.02 14.59
CA TYR B 216 -19.80 -6.28 15.26
C TYR B 216 -20.85 -7.35 15.01
N ILE B 217 -21.55 -7.23 13.89
CA ILE B 217 -22.62 -8.14 13.52
C ILE B 217 -23.70 -8.31 14.61
N GLU B 218 -23.84 -7.33 15.50
CA GLU B 218 -25.00 -7.25 16.39
C GLU B 218 -26.24 -7.42 15.51
N LYS B 219 -27.24 -8.15 16.02
CA LYS B 219 -28.25 -8.75 15.12
C LYS B 219 -29.24 -7.73 14.53
N SER B 220 -29.73 -6.80 15.36
CA SER B 220 -30.69 -5.79 14.90
C SER B 220 -30.07 -4.72 14.00
N LYS B 221 -28.75 -4.75 13.82
CA LYS B 221 -28.01 -3.71 13.13
C LYS B 221 -27.51 -4.14 11.74
N SER B 222 -27.91 -5.31 11.29
CA SER B 222 -27.49 -5.83 9.99
C SER B 222 -28.13 -5.02 8.88
N PRO B 223 -27.51 -5.02 7.69
CA PRO B 223 -28.04 -4.16 6.64
C PRO B 223 -29.48 -4.48 6.26
N PRO B 224 -29.80 -5.75 6.14
CA PRO B 224 -31.20 -6.01 5.87
C PRO B 224 -32.10 -5.46 6.99
N ALA B 225 -31.72 -5.62 8.25
CA ALA B 225 -32.58 -5.18 9.35
C ALA B 225 -32.76 -3.64 9.36
N GLU B 226 -31.67 -2.92 9.15
CA GLU B 226 -31.71 -1.47 9.12
C GLU B 226 -32.47 -0.95 7.91
N PHE B 227 -32.23 -1.52 6.75
CA PHE B 227 -32.94 -1.06 5.55
C PHE B 227 -34.44 -1.33 5.61
N MET B 228 -34.79 -2.51 6.09
CA MET B 228 -36.18 -2.78 6.33
C MET B 228 -36.76 -1.73 7.30
N ARG B 229 -36.05 -1.48 8.39
CA ARG B 229 -36.53 -0.54 9.39
C ARG B 229 -36.83 0.81 8.75
N MET B 230 -35.95 1.23 7.84
CA MET B 230 -36.07 2.53 7.14
C MET B 230 -37.13 2.51 6.05
N ILE B 231 -37.24 1.42 5.34
CA ILE B 231 -38.31 1.27 4.36
C ILE B 231 -39.68 1.21 5.04
N GLY B 232 -39.78 0.47 6.15
CA GLY B 232 -41.06 0.10 6.73
C GLY B 232 -41.12 -1.41 6.68
N ASN B 233 -41.39 -2.06 7.81
CA ASN B 233 -41.33 -3.54 7.92
C ASN B 233 -42.58 -4.24 7.35
N ASP B 234 -43.62 -3.45 7.10
CA ASP B 234 -44.81 -3.90 6.39
C ASP B 234 -44.56 -4.33 4.92
N LYS B 235 -43.57 -3.71 4.28
CA LYS B 235 -43.29 -3.92 2.83
C LYS B 235 -42.91 -5.35 2.48
N GLN B 236 -43.36 -5.80 1.30
CA GLN B 236 -43.31 -7.22 0.95
C GLN B 236 -42.89 -7.52 -0.50
N GLY B 237 -41.97 -8.48 -0.60
CA GLY B 237 -41.53 -9.11 -1.84
C GLY B 237 -40.98 -8.20 -2.93
N GLN B 238 -41.88 -7.83 -3.84
CA GLN B 238 -41.48 -7.16 -5.06
C GLN B 238 -41.33 -5.68 -4.80
N MET B 239 -42.14 -5.17 -3.88
CA MET B 239 -42.07 -3.77 -3.49
C MET B 239 -40.83 -3.36 -2.71
N ILE B 240 -40.26 -4.27 -1.94
CA ILE B 240 -39.09 -3.95 -1.16
C ILE B 240 -38.01 -3.30 -2.03
N VAL B 241 -37.74 -3.90 -3.19
CA VAL B 241 -36.62 -3.46 -4.07
C VAL B 241 -36.88 -2.08 -4.64
N PHE B 242 -38.11 -1.86 -5.08
CA PHE B 242 -38.53 -0.53 -5.51
C PHE B 242 -38.32 0.51 -4.39
N HIS B 243 -38.79 0.22 -3.18
CA HIS B 243 -38.63 1.15 -2.06
C HIS B 243 -37.19 1.33 -1.63
N LEU B 244 -36.39 0.26 -1.72
CA LEU B 244 -34.95 0.36 -1.43
C LEU B 244 -34.30 1.28 -2.46
N ILE B 245 -34.69 1.12 -3.71
CA ILE B 245 -34.12 1.94 -4.77
C ILE B 245 -34.51 3.39 -4.55
N GLU B 246 -35.74 3.64 -4.11
CA GLU B 246 -36.21 4.99 -3.83
C GLU B 246 -35.47 5.60 -2.64
N LEU B 247 -35.32 4.82 -1.59
CA LEU B 247 -34.64 5.27 -0.39
C LEU B 247 -33.24 5.73 -0.70
N LEU B 248 -32.50 4.93 -1.48
CA LEU B 248 -31.12 5.27 -1.85
C LEU B 248 -31.08 6.48 -2.76
N LYS B 249 -32.04 6.52 -3.67
CA LYS B 249 -32.19 7.62 -4.58
C LYS B 249 -32.36 8.93 -3.84
N ASN B 250 -33.03 8.91 -2.68
CA ASN B 250 -33.18 10.09 -1.81
C ASN B 250 -32.12 10.22 -0.70
N ASN B 251 -30.98 9.56 -0.91
CA ASN B 251 -29.87 9.61 0.04
C ASN B 251 -30.10 9.01 1.42
N GLY B 252 -31.07 8.12 1.56
CA GLY B 252 -31.16 7.31 2.75
C GLY B 252 -29.98 6.36 2.77
N ARG B 253 -29.42 6.16 3.96
CA ARG B 253 -28.25 5.35 4.16
C ARG B 253 -28.26 4.65 5.52
N LEU B 254 -27.47 3.58 5.63
CA LEU B 254 -27.27 2.92 6.90
C LEU B 254 -26.67 3.95 7.84
N PRO B 255 -27.14 3.98 9.09
CA PRO B 255 -26.62 4.94 10.04
C PRO B 255 -25.22 4.60 10.51
N ARG B 256 -24.61 5.54 11.23
CA ARG B 256 -23.31 5.37 11.82
C ARG B 256 -23.47 4.40 13.00
N PRO B 257 -22.71 3.29 13.00
CA PRO B 257 -22.80 2.36 14.11
C PRO B 257 -22.25 2.93 15.38
N ASP B 258 -22.83 2.53 16.50
CA ASP B 258 -22.37 3.02 17.81
C ASP B 258 -20.90 2.68 18.00
N GLY B 259 -20.11 3.67 18.43
CA GLY B 259 -18.70 3.50 18.67
C GLY B 259 -17.88 3.75 17.42
N CYS B 260 -18.53 3.90 16.27
CA CYS B 260 -17.81 4.17 15.03
C CYS B 260 -17.38 5.63 14.98
N PRO B 261 -16.08 5.90 14.87
CA PRO B 261 -15.63 7.27 14.71
C PRO B 261 -16.13 7.85 13.41
N ASP B 262 -16.34 9.17 13.37
CA ASP B 262 -16.91 9.85 12.21
C ASP B 262 -16.03 9.70 11.01
N GLU B 263 -14.72 9.75 11.19
CA GLU B 263 -13.80 9.70 10.03
C GLU B 263 -13.89 8.35 9.33
N ILE B 264 -14.27 7.33 10.07
CA ILE B 264 -14.50 5.99 9.49
C ILE B 264 -15.84 5.88 8.77
N TYR B 265 -16.88 6.45 9.39
CA TYR B 265 -18.20 6.57 8.75
C TYR B 265 -18.13 7.36 7.47
N MET B 266 -17.30 8.39 7.44
CA MET B 266 -17.18 9.21 6.24
C MET B 266 -16.70 8.36 5.07
N ILE B 267 -15.90 7.33 5.36
CA ILE B 267 -15.42 6.43 4.32
C ILE B 267 -16.58 5.63 3.77
N MET B 268 -17.39 5.11 4.67
CA MET B 268 -18.57 4.40 4.27
C MET B 268 -19.41 5.27 3.33
N THR B 269 -19.74 6.51 3.79
CA THR B 269 -20.68 7.32 3.03
C THR B 269 -20.06 7.71 1.68
N GLU B 270 -18.76 7.87 1.63
CA GLU B 270 -18.08 8.06 0.35
C GLU B 270 -18.17 6.83 -0.56
N CYS B 271 -18.10 5.63 0.00
CA CYS B 271 -18.31 4.46 -0.83
C CYS B 271 -19.74 4.43 -1.34
N TRP B 272 -20.68 4.91 -0.53
CA TRP B 272 -22.10 4.90 -0.89
C TRP B 272 -22.60 6.15 -1.61
N ASN B 273 -21.81 6.58 -2.59
CA ASN B 273 -22.14 7.69 -3.45
C ASN B 273 -23.00 7.21 -4.62
N ASN B 274 -24.07 7.96 -4.90
CA ASN B 274 -24.98 7.63 -6.01
C ASN B 274 -24.22 7.77 -7.32
N ASN B 275 -23.25 8.67 -7.37
CA ASN B 275 -22.43 8.83 -8.56
C ASN B 275 -21.29 7.79 -8.61
N VAL B 276 -21.34 6.97 -9.64
CA VAL B 276 -20.43 5.84 -9.79
C VAL B 276 -18.99 6.29 -9.79
N ASN B 277 -18.67 7.28 -10.61
CA ASN B 277 -17.28 7.72 -10.78
C ASN B 277 -16.71 8.48 -9.61
N GLN B 278 -17.56 9.01 -8.73
CA GLN B 278 -17.05 9.70 -7.53
C GLN B 278 -16.71 8.76 -6.37
N ARG B 279 -16.88 7.47 -6.55
CA ARG B 279 -16.54 6.54 -5.50
C ARG B 279 -15.02 6.39 -5.47
N PRO B 280 -14.44 6.19 -4.27
CA PRO B 280 -12.99 6.00 -4.20
C PRO B 280 -12.50 4.72 -4.84
N SER B 281 -11.18 4.66 -5.06
CA SER B 281 -10.55 3.45 -5.55
C SER B 281 -10.10 2.64 -4.34
N PHE B 282 -9.96 1.33 -4.53
CA PHE B 282 -9.52 0.44 -3.45
C PHE B 282 -8.12 0.80 -2.97
N ARG B 283 -7.32 1.41 -3.85
CA ARG B 283 -6.00 1.88 -3.45
C ARG B 283 -6.10 3.09 -2.51
N ASP B 284 -6.86 4.13 -2.87
CA ASP B 284 -7.12 5.24 -1.91
C ASP B 284 -7.63 4.74 -0.55
N LEU B 285 -8.57 3.80 -0.56
CA LEU B 285 -9.20 3.34 0.66
C LEU B 285 -8.18 2.70 1.59
N ALA B 286 -7.40 1.77 1.06
CA ALA B 286 -6.36 1.08 1.83
C ALA B 286 -5.44 2.08 2.52
N LEU B 287 -5.05 3.12 1.81
CA LEU B 287 -4.17 4.12 2.39
C LEU B 287 -4.89 4.84 3.51
N ARG B 288 -6.05 5.42 3.19
CA ARG B 288 -6.77 6.18 4.19
C ARG B 288 -7.04 5.31 5.42
N VAL B 289 -7.30 4.02 5.21
CA VAL B 289 -7.52 3.10 6.34
C VAL B 289 -6.25 2.90 7.15
N ASP B 290 -5.16 2.51 6.48
CA ASP B 290 -3.87 2.31 7.15
C ASP B 290 -3.44 3.57 7.95
N GLN B 291 -3.59 4.72 7.32
CA GLN B 291 -3.30 6.01 7.94
C GLN B 291 -4.11 6.18 9.23
N ILE B 292 -5.43 6.00 9.14
CA ILE B 292 -6.30 6.11 10.31
C ILE B 292 -5.90 5.12 11.40
N ARG B 293 -5.48 3.94 10.98
CA ARG B 293 -5.06 2.89 11.91
C ARG B 293 -3.78 3.28 12.67
N ASP B 294 -2.84 3.93 11.99
CA ASP B 294 -1.64 4.52 12.63
C ASP B 294 -2.02 5.38 13.81
N GLN B 295 -2.96 6.30 13.55
CA GLN B 295 -3.29 7.35 14.49
C GLN B 295 -3.99 6.90 15.77
N MET B 296 -4.42 5.65 15.84
CA MET B 296 -4.95 5.12 17.09
C MET B 296 -3.78 4.52 17.87
N ALA B 297 -2.68 4.27 17.16
CA ALA B 297 -1.38 3.90 17.76
C ALA B 297 -1.44 2.54 18.44
C1 XWW C . 20.48 -1.05 -4.02
C2 XWW C . 19.10 -0.86 -4.58
C3 XWW C . 18.52 0.40 -4.03
N1 XWW C . 18.56 1.49 -4.82
C4 XWW C . 18.02 2.59 -4.31
C5 XWW C . 17.47 2.59 -3.05
C6 XWW C . 17.50 1.42 -2.32
N2 XWW C . 18.02 0.30 -2.79
F1 XWW C . 16.92 3.69 -2.54
N3 XWW C . 19.12 -0.77 -6.04
C7 XWW C . 17.97 -1.19 -6.73
N4 XWW C . 16.82 -1.41 -6.09
C8 XWW C . 15.79 -1.81 -6.83
N5 XWW C . 15.87 -1.99 -8.15
C9 XWW C . 17.03 -1.74 -8.76
N6 XWW C . 18.09 -1.32 -8.05
N7 XWW C . 17.15 -1.90 -10.17
C10 XWW C . 16.24 -2.97 -10.62
C11 XWW C . 16.50 -3.51 -12.03
O1 XWW C . 17.90 -3.74 -12.28
C12 XWW C . 18.72 -2.62 -11.96
C13 XWW C . 18.56 -2.13 -10.53
N8 XWW C . 14.56 -2.06 -6.21
C14 XWW C . 14.22 -1.95 -4.88
C15 XWW C . 15.08 -1.66 -3.83
N9 XWW C . 14.25 -1.68 -2.74
C16 XWW C . 12.99 -1.97 -3.13
N10 XWW C . 12.94 -2.14 -4.44
C17 XWW C . 14.67 -1.44 -1.37
C ACT D . 19.53 -15.93 0.21
O ACT D . 20.17 -15.94 -0.87
CH3 ACT D . 18.96 -14.63 0.67
C ACT E . 24.89 -15.03 -4.13
O ACT E . 24.03 -15.36 -3.28
CH3 ACT E . 25.34 -13.60 -4.23
C ACT F . -22.56 6.29 19.65
O ACT F . -21.76 6.14 18.70
CH3 ACT F . -23.57 7.40 19.59
C1 XWW G . -19.49 -22.36 3.90
C2 XWW G . -18.06 -22.25 4.35
C3 XWW G . -17.60 -20.96 3.81
N1 XWW G . -18.00 -19.88 4.51
C4 XWW G . -17.57 -18.70 4.02
C5 XWW G . -16.81 -18.69 2.89
C6 XWW G . -16.47 -19.86 2.25
N2 XWW G . -16.86 -21.05 2.70
F1 XWW G . -16.38 -17.51 2.41
N3 XWW G . -18.05 -22.23 5.81
C7 XWW G . -16.80 -22.40 6.45
N4 XWW G . -15.63 -22.39 5.77
C8 XWW G . -14.55 -22.57 6.55
N5 XWW G . -14.60 -22.75 7.88
C9 XWW G . -15.78 -22.76 8.48
N6 XWW G . -16.91 -22.58 7.77
N7 XWW G . -15.85 -22.95 9.90
C10 XWW G . -14.96 -24.03 10.32
C11 XWW G . -15.21 -24.48 11.77
O1 XWW G . -16.60 -24.80 12.00
C12 XWW G . -17.42 -23.66 11.75
C13 XWW G . -17.25 -23.06 10.35
N8 XWW G . -13.27 -22.57 6.01
C14 XWW G . -13.03 -22.45 4.68
C15 XWW G . -14.01 -22.28 3.74
N9 XWW G . -13.31 -22.22 2.57
C16 XWW G . -11.97 -22.34 2.83
N10 XWW G . -11.76 -22.49 4.12
C17 XWW G . -13.93 -22.05 1.26
#